data_3PZT
#
_entry.id   3PZT
#
_cell.length_a   49.526
_cell.length_b   110.617
_cell.length_c   122.262
_cell.angle_alpha   90.00
_cell.angle_beta   90.00
_cell.angle_gamma   90.00
#
_symmetry.space_group_name_H-M   'P 21 21 21'
#
loop_
_entity.id
_entity.type
_entity.pdbx_description
1 polymer Endoglucanase
2 non-polymer 'MANGANESE (II) ION'
3 non-polymer GLYCEROL
4 non-polymer 'PHOSPHATE ION'
5 water water
#
_entity_poly.entity_id   1
_entity_poly.type   'polypeptide(L)'
_entity_poly.pdbx_seq_one_letter_code
;MGSSHHHHHHSSGLVPRGSHMASAAGTKTPVAKNGQLSIKGTQLVNRDGKAVQLKGISSHGLQWYGEYVNKDSLKWLRDD
WGITVFRAAMYTADGGYIDNPSVKNKVKEAVEAAKELGIYVIIDWHILNDGNPNQNKEKAKEFFKEMSSLYGNTPNVIYE
IANEPNGDVNWKRDIKPYAEEVISVIRKNDPDNIIIVGTGTWSQDVNDAADDQLKDANVMYALHFYAGTHGQFLRDKANY
ALSKGAPIFVTEWGTSDASGNGGVFLDQSREWLKYLDSKTISWVNWNLSDKQESSSALKPGASKTGGWRLSDLSASGTFV
RENILGT
;
_entity_poly.pdbx_strand_id   A,B
#
loop_
_chem_comp.id
_chem_comp.type
_chem_comp.name
_chem_comp.formula
GOL non-polymer GLYCEROL 'C3 H8 O3'
MN non-polymer 'MANGANESE (II) ION' 'Mn 2'
PO4 non-polymer 'PHOSPHATE ION' 'O4 P -3'
#
# COMPACT_ATOMS: atom_id res chain seq x y z
N ASN A 34 -0.93 8.19 5.07
CA ASN A 34 0.38 8.53 4.41
C ASN A 34 1.63 8.52 5.40
N GLY A 35 2.16 9.69 5.72
CA GLY A 35 3.35 9.89 6.63
C GLY A 35 4.69 9.34 6.17
N GLN A 36 5.53 9.00 7.13
CA GLN A 36 6.81 8.40 6.89
C GLN A 36 6.74 7.17 5.97
N LEU A 37 7.52 7.19 4.90
CA LEU A 37 7.72 5.99 4.03
C LEU A 37 8.87 5.17 4.52
N SER A 38 8.81 3.86 4.32
CA SER A 38 9.97 3.02 4.58
C SER A 38 9.89 1.86 3.59
N ILE A 39 10.88 0.99 3.62
CA ILE A 39 10.99 -0.07 2.62
C ILE A 39 10.94 -1.44 3.39
N LYS A 40 10.02 -2.31 2.97
CA LYS A 40 10.01 -3.67 3.47
C LYS A 40 10.49 -4.59 2.34
N GLY A 41 11.78 -4.97 2.38
CA GLY A 41 12.37 -5.77 1.30
C GLY A 41 12.53 -4.93 0.02
N THR A 42 11.66 -5.12 -0.96
CA THR A 42 11.67 -4.26 -2.17
C THR A 42 10.43 -3.39 -2.22
N GLN A 43 9.60 -3.41 -1.16
CA GLN A 43 8.26 -2.84 -1.25
C GLN A 43 8.21 -1.56 -0.44
N LEU A 44 7.85 -0.47 -1.11
CA LEU A 44 7.63 0.79 -0.39
C LEU A 44 6.36 0.65 0.43
N VAL A 45 6.41 0.99 1.74
CA VAL A 45 5.20 0.97 2.61
C VAL A 45 4.99 2.29 3.33
N ASN A 46 3.76 2.57 3.73
CA ASN A 46 3.48 3.78 4.49
C ASN A 46 3.69 3.52 6.01
N ARG A 47 3.42 4.51 6.85
CA ARG A 47 3.76 4.40 8.29
C ARG A 47 2.85 3.33 8.98
N ASP A 48 1.69 3.07 8.39
CA ASP A 48 0.82 1.98 8.91
C ASP A 48 1.42 0.63 8.58
N GLY A 49 2.36 0.55 7.63
CA GLY A 49 2.94 -0.75 7.26
C GLY A 49 2.20 -1.40 6.11
N LYS A 50 1.32 -0.67 5.46
CA LYS A 50 0.72 -1.15 4.22
C LYS A 50 1.54 -0.77 2.98
N ALA A 51 1.58 -1.67 2.00
CA ALA A 51 2.13 -1.35 0.65
C ALA A 51 1.42 -0.16 0.02
N VAL A 52 2.23 0.67 -0.65
CA VAL A 52 1.75 1.89 -1.26
C VAL A 52 2.44 1.94 -2.66
N GLN A 53 1.72 2.44 -3.63
CA GLN A 53 2.29 2.55 -4.99
C GLN A 53 1.99 4.01 -5.24
N LEU A 54 3.04 4.83 -5.17
CA LEU A 54 2.86 6.29 -5.44
C LEU A 54 2.78 6.54 -6.94
N LYS A 55 1.96 7.51 -7.31
CA LYS A 55 1.78 7.90 -8.71
C LYS A 55 1.72 9.39 -8.85
N GLY A 56 2.42 9.87 -9.89
CA GLY A 56 2.42 11.32 -10.09
C GLY A 56 3.08 11.74 -11.37
N ILE A 57 3.54 12.97 -11.34
CA ILE A 57 4.10 13.60 -12.54
C ILE A 57 5.27 14.49 -12.10
N SER A 58 6.20 14.67 -13.04
CA SER A 58 7.43 15.42 -12.82
C SER A 58 7.30 16.74 -13.56
N SER A 59 7.84 17.79 -12.93
CA SER A 59 8.05 19.00 -13.67
C SER A 59 9.03 18.68 -14.78
N HIS A 60 9.05 19.56 -15.78
CA HIS A 60 10.19 19.64 -16.71
C HIS A 60 11.21 20.50 -16.01
N GLY A 61 12.27 20.88 -16.70
CA GLY A 61 13.30 21.57 -15.94
C GLY A 61 12.79 22.84 -15.31
N LEU A 62 13.12 23.02 -14.04
CA LEU A 62 12.58 24.13 -13.22
C LEU A 62 13.07 25.52 -13.69
N GLN A 63 14.23 25.55 -14.38
CA GLN A 63 14.74 26.79 -14.95
C GLN A 63 13.92 27.28 -16.13
N TRP A 64 13.15 26.39 -16.80
CA TRP A 64 12.32 26.75 -17.93
C TRP A 64 10.81 26.70 -17.64
N TYR A 65 10.40 25.73 -16.81
CA TYR A 65 8.96 25.42 -16.62
C TYR A 65 8.63 25.39 -15.16
N GLY A 66 9.48 26.00 -14.31
CA GLY A 66 9.17 26.12 -12.88
C GLY A 66 7.89 26.97 -12.72
N GLU A 67 7.51 27.74 -13.74
CA GLU A 67 6.24 28.56 -13.69
C GLU A 67 4.99 27.69 -13.47
N TYR A 68 5.07 26.39 -13.89
CA TYR A 68 3.96 25.42 -13.68
C TYR A 68 3.92 24.76 -12.32
N VAL A 69 4.89 25.09 -11.50
CA VAL A 69 5.13 24.45 -10.21
C VAL A 69 4.86 25.42 -9.04
N ASN A 70 3.66 25.30 -8.46
CA ASN A 70 3.29 26.22 -7.39
C ASN A 70 2.18 25.54 -6.57
N LYS A 71 1.81 26.10 -5.41
CA LYS A 71 0.83 25.47 -4.53
C LYS A 71 -0.50 25.28 -5.27
N ASP A 72 -0.88 26.22 -6.13
CA ASP A 72 -2.09 26.08 -6.91
C ASP A 72 -2.08 24.91 -7.87
N SER A 73 -1.02 24.77 -8.68
CA SER A 73 -1.02 23.67 -9.65
C SER A 73 -0.83 22.31 -8.93
N LEU A 74 -0.10 22.26 -7.82
CA LEU A 74 0.09 21.03 -7.16
C LEU A 74 -1.21 20.58 -6.47
N LYS A 75 -1.93 21.54 -5.92
CA LYS A 75 -3.19 21.24 -5.29
C LYS A 75 -4.19 20.70 -6.35
N TRP A 76 -4.28 21.36 -7.47
CA TRP A 76 -5.09 20.87 -8.59
C TRP A 76 -4.71 19.44 -9.04
N LEU A 77 -3.41 19.18 -9.19
CA LEU A 77 -3.00 17.82 -9.48
C LEU A 77 -3.40 16.86 -8.35
N ARG A 78 -3.30 17.29 -7.07
CA ARG A 78 -3.66 16.35 -6.02
C ARG A 78 -5.17 16.01 -6.18
N ASP A 79 -5.94 17.05 -6.40
CA ASP A 79 -7.39 16.99 -6.27
C ASP A 79 -8.01 16.49 -7.57
N ASP A 80 -7.53 16.94 -8.71
CA ASP A 80 -8.17 16.52 -9.95
C ASP A 80 -7.58 15.23 -10.52
N TRP A 81 -6.28 15.02 -10.30
CA TRP A 81 -5.60 13.92 -10.92
C TRP A 81 -5.40 12.85 -9.93
N GLY A 82 -5.50 13.18 -8.64
CA GLY A 82 -5.22 12.17 -7.64
C GLY A 82 -3.73 11.90 -7.44
N ILE A 83 -2.84 12.83 -7.84
CA ILE A 83 -1.43 12.51 -7.60
C ILE A 83 -1.13 12.35 -6.13
N THR A 84 -0.20 11.47 -5.83
CA THR A 84 0.26 11.30 -4.46
C THR A 84 1.75 11.66 -4.36
N VAL A 85 2.37 11.97 -5.51
CA VAL A 85 3.78 12.41 -5.50
C VAL A 85 4.01 13.40 -6.65
N PHE A 86 4.82 14.45 -6.38
CA PHE A 86 5.25 15.40 -7.38
C PHE A 86 6.75 15.47 -7.43
N ARG A 87 7.33 15.41 -8.64
CA ARG A 87 8.79 15.47 -8.77
C ARG A 87 9.26 16.87 -9.30
N ALA A 88 10.22 17.43 -8.59
CA ALA A 88 10.75 18.79 -8.88
C ALA A 88 12.07 18.52 -9.55
N ALA A 89 12.07 18.66 -10.90
CA ALA A 89 13.24 18.21 -11.66
C ALA A 89 14.18 19.39 -11.76
N MET A 90 15.07 19.49 -10.79
CA MET A 90 16.01 20.61 -10.74
C MET A 90 17.25 20.26 -11.59
N TYR A 91 17.21 20.58 -12.89
CA TYR A 91 18.39 20.40 -13.74
C TYR A 91 19.62 21.06 -13.11
N THR A 92 20.78 20.40 -13.23
CA THR A 92 22.06 21.00 -12.83
C THR A 92 22.69 21.81 -13.98
N ALA A 93 22.72 21.20 -15.18
CA ALA A 93 23.29 21.81 -16.41
C ALA A 93 22.22 22.59 -17.13
N ASP A 94 22.54 23.06 -18.33
CA ASP A 94 21.55 23.69 -19.20
C ASP A 94 20.77 24.87 -18.56
N GLY A 95 21.51 25.82 -17.97
CA GLY A 95 20.91 27.01 -17.34
C GLY A 95 20.29 26.65 -16.00
N GLY A 96 20.55 25.43 -15.49
CA GLY A 96 19.97 25.00 -14.20
C GLY A 96 20.83 25.47 -12.99
N TYR A 97 20.85 24.66 -11.92
CA TYR A 97 21.43 25.03 -10.64
C TYR A 97 22.92 25.37 -10.71
N ILE A 98 23.66 24.67 -11.57
CA ILE A 98 25.11 24.99 -11.64
C ILE A 98 25.38 26.45 -12.08
N ASP A 99 24.70 26.92 -13.11
CA ASP A 99 24.88 28.30 -13.59
C ASP A 99 24.04 29.30 -12.85
N ASN A 100 22.86 28.88 -12.40
CA ASN A 100 22.05 29.76 -11.59
C ASN A 100 21.41 29.00 -10.43
N PRO A 101 22.05 29.05 -9.26
CA PRO A 101 21.55 28.27 -8.14
C PRO A 101 20.25 28.78 -7.57
N SER A 102 19.78 29.97 -7.97
CA SER A 102 18.58 30.47 -7.34
C SER A 102 17.37 29.57 -7.67
N VAL A 103 17.49 28.71 -8.69
CA VAL A 103 16.37 27.78 -8.96
C VAL A 103 16.12 26.90 -7.71
N LYS A 104 17.08 26.79 -6.77
CA LYS A 104 16.76 26.01 -5.58
C LYS A 104 15.56 26.58 -4.80
N ASN A 105 15.30 27.88 -4.95
CA ASN A 105 14.09 28.46 -4.29
C ASN A 105 12.78 27.84 -4.85
N LYS A 106 12.79 27.39 -6.10
CA LYS A 106 11.60 26.71 -6.64
C LYS A 106 11.43 25.30 -6.05
N VAL A 107 12.53 24.62 -5.81
CA VAL A 107 12.47 23.34 -5.14
C VAL A 107 11.86 23.58 -3.78
N LYS A 108 12.33 24.59 -3.03
CA LYS A 108 11.79 24.82 -1.66
C LYS A 108 10.27 25.21 -1.70
N GLU A 109 9.92 26.05 -2.65
CA GLU A 109 8.51 26.36 -2.91
C GLU A 109 7.71 25.04 -3.10
N ALA A 110 8.23 24.12 -3.92
CA ALA A 110 7.50 22.90 -4.21
C ALA A 110 7.36 22.01 -2.97
N VAL A 111 8.46 21.91 -2.19
CA VAL A 111 8.48 21.14 -0.92
C VAL A 111 7.49 21.75 0.05
N GLU A 112 7.51 23.08 0.22
CA GLU A 112 6.49 23.70 1.13
C GLU A 112 5.05 23.48 0.66
N ALA A 113 4.80 23.58 -0.66
CA ALA A 113 3.50 23.23 -1.22
C ALA A 113 3.16 21.78 -0.91
N ALA A 114 4.13 20.86 -1.07
CA ALA A 114 3.80 19.48 -0.86
C ALA A 114 3.41 19.22 0.63
N LYS A 115 4.11 19.88 1.55
CA LYS A 115 3.88 19.71 2.99
C LYS A 115 2.49 20.21 3.33
N GLU A 116 2.14 21.34 2.77
CA GLU A 116 0.82 21.88 3.06
C GLU A 116 -0.30 20.99 2.49
N LEU A 117 -0.02 20.39 1.33
CA LEU A 117 -1.02 19.60 0.63
C LEU A 117 -1.05 18.13 1.06
N GLY A 118 -0.10 17.69 1.86
CA GLY A 118 -0.09 16.28 2.28
C GLY A 118 0.32 15.27 1.19
N ILE A 119 1.14 15.74 0.22
CA ILE A 119 1.67 14.82 -0.80
C ILE A 119 3.20 14.61 -0.72
N TYR A 120 3.72 13.54 -1.33
CA TYR A 120 5.18 13.36 -1.36
C TYR A 120 5.80 14.29 -2.45
N VAL A 121 7.05 14.66 -2.24
CA VAL A 121 7.77 15.54 -3.19
C VAL A 121 9.13 14.90 -3.42
N ILE A 122 9.47 14.67 -4.67
CA ILE A 122 10.84 14.22 -4.98
C ILE A 122 11.73 15.45 -5.32
N ILE A 123 12.80 15.58 -4.52
CA ILE A 123 13.90 16.55 -4.84
C ILE A 123 14.91 15.81 -5.74
N ASP A 124 14.85 16.18 -7.03
CA ASP A 124 15.59 15.55 -8.10
C ASP A 124 16.74 16.42 -8.60
N TRP A 125 17.96 15.98 -8.29
CA TRP A 125 19.23 16.60 -8.74
C TRP A 125 19.38 16.03 -10.15
N HIS A 126 18.85 16.81 -11.09
CA HIS A 126 18.54 16.27 -12.42
C HIS A 126 19.70 16.36 -13.39
N ILE A 127 20.72 15.52 -13.16
CA ILE A 127 21.84 15.46 -14.06
C ILE A 127 21.39 14.87 -15.38
N LEU A 128 22.00 15.33 -16.45
CA LEU A 128 21.73 14.74 -17.77
C LEU A 128 22.93 15.03 -18.70
N ASN A 129 23.05 16.25 -19.21
CA ASN A 129 24.24 16.55 -20.04
C ASN A 129 25.53 16.34 -19.25
N ASP A 130 25.46 16.61 -17.96
CA ASP A 130 26.54 16.32 -17.04
C ASP A 130 26.34 14.83 -16.59
N GLY A 131 26.69 13.90 -17.49
CA GLY A 131 26.23 12.53 -17.37
C GLY A 131 26.87 11.69 -16.30
N ASN A 132 28.08 12.05 -15.88
CA ASN A 132 28.68 11.43 -14.72
C ASN A 132 28.32 12.25 -13.51
N PRO A 133 27.75 11.60 -12.46
CA PRO A 133 27.37 12.39 -11.30
C PRO A 133 28.55 12.95 -10.56
N ASN A 134 29.74 12.35 -10.73
CA ASN A 134 30.96 13.00 -10.16
C ASN A 134 31.28 14.39 -10.74
N GLN A 135 30.74 14.72 -11.91
CA GLN A 135 31.11 16.05 -12.50
C GLN A 135 30.74 17.18 -11.60
N ASN A 136 29.52 17.13 -11.04
CA ASN A 136 29.04 18.21 -10.19
C ASN A 136 28.90 17.76 -8.70
N LYS A 137 29.77 16.84 -8.28
CA LYS A 137 29.54 16.21 -6.98
C LYS A 137 29.68 17.15 -5.78
N GLU A 138 30.66 18.05 -5.82
CA GLU A 138 30.81 18.99 -4.71
C GLU A 138 29.58 19.83 -4.56
N LYS A 139 29.05 20.32 -5.69
CA LYS A 139 27.80 21.10 -5.59
C LYS A 139 26.60 20.25 -5.18
N ALA A 140 26.55 18.99 -5.59
CA ALA A 140 25.42 18.11 -5.18
C ALA A 140 25.45 17.91 -3.67
N LYS A 141 26.65 17.65 -3.13
CA LYS A 141 26.76 17.42 -1.69
C LYS A 141 26.32 18.63 -0.87
N GLU A 142 26.78 19.81 -1.29
CA GLU A 142 26.32 21.05 -0.66
C GLU A 142 24.81 21.26 -0.81
N PHE A 143 24.27 21.01 -2.01
CA PHE A 143 22.80 21.09 -2.22
C PHE A 143 22.04 20.13 -1.27
N PHE A 144 22.47 18.87 -1.24
CA PHE A 144 21.76 17.88 -0.40
C PHE A 144 21.97 18.08 1.11
N LYS A 145 23.10 18.69 1.49
CA LYS A 145 23.32 19.05 2.89
C LYS A 145 22.28 20.11 3.29
N GLU A 146 22.14 21.15 2.47
CA GLU A 146 21.11 22.17 2.67
C GLU A 146 19.65 21.61 2.65
N MET A 147 19.28 20.83 1.64
CA MET A 147 17.93 20.24 1.68
C MET A 147 17.67 19.30 2.83
N SER A 148 18.58 18.40 3.16
CA SER A 148 18.34 17.48 4.29
C SER A 148 18.26 18.23 5.62
N SER A 149 19.05 19.29 5.72
CA SER A 149 19.01 20.15 6.88
C SER A 149 17.64 20.81 7.00
N LEU A 150 17.13 21.37 5.93
CA LEU A 150 15.80 21.97 5.98
C LEU A 150 14.69 20.93 6.23
N TYR A 151 14.77 19.79 5.54
CA TYR A 151 13.58 18.92 5.45
C TYR A 151 13.80 17.56 6.13
N GLY A 152 14.83 17.49 6.96
CA GLY A 152 15.22 16.25 7.64
C GLY A 152 14.23 15.69 8.68
N ASN A 153 13.17 16.45 8.96
CA ASN A 153 12.05 15.96 9.80
C ASN A 153 10.73 16.00 9.03
N THR A 154 10.81 16.09 7.71
CA THR A 154 9.60 16.21 6.90
C THR A 154 9.33 14.89 6.19
N PRO A 155 8.24 14.19 6.52
CA PRO A 155 8.09 12.88 5.87
C PRO A 155 7.72 12.99 4.37
N ASN A 156 7.36 14.18 3.90
CA ASN A 156 6.98 14.37 2.49
C ASN A 156 8.11 14.15 1.51
N VAL A 157 9.33 14.34 1.97
CA VAL A 157 10.44 14.49 1.05
C VAL A 157 11.13 13.15 0.72
N ILE A 158 11.37 12.97 -0.60
CA ILE A 158 12.18 11.88 -1.15
C ILE A 158 13.34 12.50 -1.93
N TYR A 159 14.56 12.06 -1.71
CA TYR A 159 15.75 12.62 -2.45
C TYR A 159 16.08 11.80 -3.65
N GLU A 160 16.26 12.42 -4.81
CA GLU A 160 16.68 11.62 -5.96
C GLU A 160 18.03 12.26 -6.37
N ILE A 161 19.13 11.54 -6.10
CA ILE A 161 20.43 12.22 -6.07
C ILE A 161 21.14 12.31 -7.40
N ALA A 162 20.61 11.63 -8.43
CA ALA A 162 21.24 11.64 -9.73
C ALA A 162 20.39 11.04 -10.80
N ASN A 163 19.59 11.88 -11.44
CA ASN A 163 18.48 11.52 -12.29
C ASN A 163 18.90 10.43 -13.31
N GLU A 164 19.80 10.79 -14.24
CA GLU A 164 20.21 9.85 -15.31
C GLU A 164 21.71 9.92 -15.59
N PRO A 165 22.51 9.15 -14.82
CA PRO A 165 23.85 8.83 -15.16
C PRO A 165 23.85 8.32 -16.63
N ASN A 166 24.84 8.77 -17.42
CA ASN A 166 24.88 8.37 -18.83
C ASN A 166 26.26 8.73 -19.39
N GLY A 167 26.59 8.08 -20.50
CA GLY A 167 27.92 8.08 -21.05
C GLY A 167 28.68 6.89 -20.56
N ASP A 168 30.01 7.02 -20.58
CA ASP A 168 30.86 5.93 -20.13
C ASP A 168 30.90 6.02 -18.59
N VAL A 169 29.77 5.71 -17.97
CA VAL A 169 29.54 5.93 -16.54
C VAL A 169 28.86 4.67 -16.02
N ASN A 170 29.50 3.96 -15.11
CA ASN A 170 28.89 2.72 -14.63
C ASN A 170 28.79 2.68 -13.10
N TRP A 171 28.01 1.72 -12.63
CA TRP A 171 27.71 1.59 -11.19
C TRP A 171 28.94 1.48 -10.23
N LYS A 172 29.76 0.46 -10.43
CA LYS A 172 30.85 0.20 -9.49
C LYS A 172 31.86 1.33 -9.46
N ARG A 173 32.25 1.79 -10.64
CA ARG A 173 33.29 2.79 -10.75
C ARG A 173 32.79 4.18 -10.47
N ASP A 174 31.59 4.51 -10.93
CA ASP A 174 31.24 5.96 -11.01
C ASP A 174 30.05 6.28 -10.13
N ILE A 175 28.99 5.48 -10.21
CA ILE A 175 27.73 5.92 -9.66
C ILE A 175 27.67 5.51 -8.20
N LYS A 176 28.11 4.28 -7.90
CA LYS A 176 28.07 3.85 -6.46
C LYS A 176 28.88 4.73 -5.48
N PRO A 177 30.16 5.06 -5.83
CA PRO A 177 30.99 5.87 -4.93
C PRO A 177 30.43 7.27 -4.76
N TYR A 178 29.89 7.87 -5.85
CA TYR A 178 29.09 9.12 -5.72
C TYR A 178 27.93 9.03 -4.73
N ALA A 179 27.08 8.00 -4.90
CA ALA A 179 25.88 7.76 -4.07
C ALA A 179 26.27 7.58 -2.62
N GLU A 180 27.37 6.87 -2.36
CA GLU A 180 27.81 6.74 -0.96
C GLU A 180 28.13 8.08 -0.28
N GLU A 181 28.89 8.91 -0.96
CA GLU A 181 29.22 10.22 -0.40
C GLU A 181 27.95 11.04 -0.20
N VAL A 182 27.06 11.05 -1.19
CA VAL A 182 25.87 11.92 -1.05
C VAL A 182 24.91 11.39 0.03
N ILE A 183 24.80 10.08 0.09
CA ILE A 183 23.88 9.44 1.06
C ILE A 183 24.44 9.77 2.45
N SER A 184 25.76 9.68 2.63
CA SER A 184 26.39 10.02 3.89
CA SER A 184 26.37 10.01 3.90
C SER A 184 26.08 11.46 4.27
N VAL A 185 26.09 12.38 3.31
CA VAL A 185 25.69 13.74 3.70
C VAL A 185 24.23 13.80 4.17
N ILE A 186 23.33 13.21 3.39
CA ILE A 186 21.91 13.38 3.68
C ILE A 186 21.61 12.74 5.06
N ARG A 187 22.27 11.61 5.33
CA ARG A 187 21.94 10.83 6.49
C ARG A 187 22.36 11.55 7.77
N LYS A 188 23.40 12.38 7.71
CA LYS A 188 23.73 13.27 8.86
C LYS A 188 22.51 14.10 9.37
N ASN A 189 21.62 14.47 8.45
CA ASN A 189 20.46 15.31 8.75
C ASN A 189 19.10 14.60 8.66
N ASP A 190 19.04 13.49 7.91
CA ASP A 190 17.76 12.86 7.62
C ASP A 190 18.01 11.38 7.65
N PRO A 191 17.76 10.75 8.81
CA PRO A 191 18.20 9.34 8.83
C PRO A 191 17.28 8.40 8.11
N ASP A 192 16.03 8.76 7.85
CA ASP A 192 15.09 7.72 7.36
C ASP A 192 14.34 7.95 6.02
N ASN A 193 14.31 9.15 5.47
CA ASN A 193 13.58 9.36 4.21
C ASN A 193 14.19 8.59 3.04
N ILE A 194 13.37 8.28 2.06
CA ILE A 194 13.82 7.44 0.95
C ILE A 194 14.84 8.26 0.09
N ILE A 195 15.94 7.63 -0.29
CA ILE A 195 16.89 8.18 -1.27
C ILE A 195 16.81 7.24 -2.52
N ILE A 196 16.53 7.77 -3.70
CA ILE A 196 16.52 7.00 -4.96
C ILE A 196 17.77 7.36 -5.77
N VAL A 197 18.51 6.33 -6.22
CA VAL A 197 19.81 6.49 -6.84
C VAL A 197 19.68 6.09 -8.31
N GLY A 198 20.10 6.96 -9.21
CA GLY A 198 20.00 6.65 -10.64
C GLY A 198 21.00 5.52 -11.05
N THR A 199 20.79 4.94 -12.22
CA THR A 199 21.65 3.82 -12.65
C THR A 199 22.16 4.15 -14.07
N GLY A 200 23.03 3.28 -14.62
CA GLY A 200 23.74 3.55 -15.88
C GLY A 200 22.79 3.51 -17.05
N THR A 201 23.26 4.07 -18.17
CA THR A 201 22.46 4.15 -19.36
C THR A 201 21.10 4.83 -19.12
N TRP A 202 21.15 6.09 -18.64
CA TRP A 202 19.89 6.86 -18.36
C TRP A 202 18.94 6.04 -17.42
N SER A 203 19.50 5.50 -16.34
CA SER A 203 18.68 4.82 -15.33
C SER A 203 17.95 3.64 -15.98
N GLN A 204 18.72 2.91 -16.78
CA GLN A 204 18.27 1.60 -17.23
C GLN A 204 18.96 0.44 -16.51
N ASP A 205 20.21 0.56 -16.14
CA ASP A 205 21.02 -0.61 -15.71
C ASP A 205 20.91 -0.97 -14.21
N VAL A 206 19.67 -1.12 -13.81
CA VAL A 206 19.29 -1.47 -12.44
C VAL A 206 19.87 -2.88 -12.05
N ASN A 207 20.05 -3.76 -13.03
CA ASN A 207 20.75 -5.06 -12.73
C ASN A 207 22.13 -4.89 -12.17
N ASP A 208 22.90 -3.91 -12.72
CA ASP A 208 24.24 -3.68 -12.22
C ASP A 208 24.24 -3.13 -10.79
N ALA A 209 23.29 -2.23 -10.53
CA ALA A 209 23.14 -1.80 -9.14
C ALA A 209 22.82 -2.99 -8.25
N ALA A 210 21.85 -3.80 -8.70
CA ALA A 210 21.36 -4.92 -7.89
C ALA A 210 22.47 -5.93 -7.54
N ASP A 211 23.52 -5.98 -8.37
CA ASP A 211 24.68 -6.85 -8.11
C ASP A 211 25.64 -6.23 -7.14
N ASP A 212 25.44 -4.96 -6.76
CA ASP A 212 26.43 -4.32 -5.87
C ASP A 212 25.72 -3.27 -5.08
N GLN A 213 24.76 -3.70 -4.26
CA GLN A 213 23.85 -2.81 -3.70
C GLN A 213 24.49 -1.91 -2.64
N LEU A 214 23.93 -0.73 -2.46
CA LEU A 214 24.22 0.11 -1.27
C LEU A 214 23.66 -0.51 0.00
N LYS A 215 24.30 -0.28 1.15
CA LYS A 215 23.80 -0.87 2.43
C LYS A 215 22.66 -0.11 3.07
N ASP A 216 22.49 1.17 2.75
CA ASP A 216 21.36 1.95 3.27
C ASP A 216 19.98 1.28 3.24
N ALA A 217 19.32 1.29 4.39
CA ALA A 217 18.07 0.59 4.55
C ALA A 217 16.90 1.24 3.78
N ASN A 218 17.08 2.51 3.33
CA ASN A 218 15.94 3.21 2.72
C ASN A 218 16.28 3.74 1.32
N VAL A 219 17.05 2.98 0.59
CA VAL A 219 17.47 3.30 -0.76
C VAL A 219 16.65 2.53 -1.76
N MET A 220 16.31 3.19 -2.88
CA MET A 220 15.70 2.53 -4.01
C MET A 220 16.53 2.89 -5.26
N TYR A 221 16.39 2.14 -6.35
CA TYR A 221 17.14 2.41 -7.62
C TYR A 221 16.14 2.87 -8.68
N ALA A 222 16.53 3.89 -9.46
CA ALA A 222 15.65 4.45 -10.47
C ALA A 222 15.68 3.59 -11.74
N LEU A 223 14.50 3.43 -12.32
CA LEU A 223 14.35 2.85 -13.59
C LEU A 223 13.55 3.88 -14.43
N HIS A 224 14.07 4.24 -15.60
CA HIS A 224 13.39 5.12 -16.53
C HIS A 224 13.13 4.43 -17.86
N PHE A 225 11.95 4.64 -18.38
CA PHE A 225 11.63 4.08 -19.71
C PHE A 225 10.78 5.00 -20.51
N TYR A 226 10.75 4.77 -21.84
CA TYR A 226 9.81 5.39 -22.72
C TYR A 226 9.05 4.29 -23.47
N ALA A 227 7.75 4.46 -23.54
CA ALA A 227 6.84 3.44 -24.02
C ALA A 227 7.13 3.18 -25.51
N GLY A 228 7.52 4.24 -26.24
CA GLY A 228 7.83 4.09 -27.65
C GLY A 228 9.21 3.52 -27.97
N THR A 229 10.03 3.25 -26.97
CA THR A 229 11.42 2.85 -27.18
C THR A 229 11.74 1.56 -26.44
N HIS A 230 11.31 1.43 -25.17
CA HIS A 230 11.83 0.38 -24.35
C HIS A 230 10.82 -0.72 -24.12
N GLY A 231 11.27 -1.95 -24.08
CA GLY A 231 10.30 -3.05 -24.09
C GLY A 231 10.74 -4.11 -23.10
N GLN A 232 10.47 -5.35 -23.44
CA GLN A 232 10.66 -6.44 -22.52
C GLN A 232 12.09 -6.53 -21.98
N PHE A 233 13.11 -6.21 -22.80
CA PHE A 233 14.49 -6.36 -22.28
C PHE A 233 14.63 -5.54 -21.02
N LEU A 234 13.90 -4.44 -20.96
CA LEU A 234 14.13 -3.52 -19.82
C LEU A 234 13.38 -4.02 -18.58
N ARG A 235 12.15 -4.49 -18.76
CA ARG A 235 11.42 -5.24 -17.71
C ARG A 235 12.18 -6.42 -17.12
N ASP A 236 12.98 -7.10 -17.97
CA ASP A 236 13.72 -8.30 -17.52
C ASP A 236 14.86 -7.80 -16.62
N LYS A 237 15.46 -6.67 -16.99
CA LYS A 237 16.48 -6.11 -16.10
C LYS A 237 15.87 -5.73 -14.69
N ALA A 238 14.69 -5.14 -14.71
CA ALA A 238 13.97 -4.77 -13.48
C ALA A 238 13.68 -6.07 -12.68
N ASN A 239 13.22 -7.09 -13.40
CA ASN A 239 12.88 -8.37 -12.73
C ASN A 239 14.08 -8.94 -12.09
N TYR A 240 15.20 -8.88 -12.78
CA TYR A 240 16.45 -9.39 -12.23
C TYR A 240 16.85 -8.64 -10.94
N ALA A 241 16.72 -7.28 -10.98
CA ALA A 241 17.04 -6.46 -9.82
C ALA A 241 16.12 -6.78 -8.64
N LEU A 242 14.82 -6.83 -8.85
CA LEU A 242 13.96 -7.13 -7.71
C LEU A 242 14.32 -8.53 -7.07
N SER A 243 14.59 -9.51 -7.94
CA SER A 243 14.86 -10.90 -7.48
C SER A 243 16.11 -10.85 -6.61
N LYS A 244 16.92 -9.80 -6.75
CA LYS A 244 18.06 -9.71 -5.90
C LYS A 244 17.76 -8.83 -4.69
N GLY A 245 16.53 -8.39 -4.50
CA GLY A 245 16.34 -7.53 -3.32
C GLY A 245 16.64 -6.03 -3.50
N ALA A 246 16.85 -5.58 -4.74
CA ALA A 246 17.12 -4.15 -5.00
C ALA A 246 15.76 -3.50 -5.25
N PRO A 247 15.26 -2.56 -4.37
CA PRO A 247 13.95 -1.93 -4.69
C PRO A 247 14.05 -0.97 -5.91
N ILE A 248 12.96 -0.82 -6.67
CA ILE A 248 12.94 0.00 -7.87
C ILE A 248 11.81 1.04 -7.75
N PHE A 249 12.05 2.26 -8.25
CA PHE A 249 11.05 3.30 -8.32
C PHE A 249 11.26 3.96 -9.69
N VAL A 250 10.18 4.10 -10.45
CA VAL A 250 10.24 4.71 -11.76
C VAL A 250 10.04 6.21 -11.53
N THR A 251 11.16 6.95 -11.36
CA THR A 251 11.02 8.43 -11.18
C THR A 251 10.78 9.20 -12.48
N GLU A 252 10.88 8.51 -13.64
CA GLU A 252 10.61 9.20 -14.88
C GLU A 252 10.19 8.19 -15.98
N TRP A 253 9.02 8.36 -16.59
CA TRP A 253 8.72 7.56 -17.77
C TRP A 253 7.85 8.38 -18.69
N GLY A 254 7.88 8.11 -20.00
CA GLY A 254 7.06 8.88 -20.91
C GLY A 254 6.25 7.95 -21.84
N THR A 255 5.16 8.51 -22.32
CA THR A 255 4.26 7.80 -23.21
C THR A 255 4.79 7.88 -24.67
N SER A 256 5.76 8.76 -24.88
CA SER A 256 6.42 9.03 -26.16
CA SER A 256 6.35 8.92 -26.22
C SER A 256 7.55 8.01 -26.41
N ASP A 257 8.26 8.15 -27.52
CA ASP A 257 9.51 7.46 -27.62
C ASP A 257 10.57 8.28 -26.79
N ALA A 258 11.79 7.76 -26.69
CA ALA A 258 12.83 8.35 -25.81
C ALA A 258 13.27 9.78 -26.10
N SER A 259 13.04 10.28 -27.31
CA SER A 259 13.33 11.70 -27.56
C SER A 259 12.35 12.66 -26.84
N GLY A 260 11.18 12.15 -26.45
CA GLY A 260 10.17 12.95 -25.84
C GLY A 260 9.18 13.45 -26.88
N ASN A 261 9.40 13.11 -28.15
CA ASN A 261 8.45 13.50 -29.19
C ASN A 261 8.08 12.21 -29.93
N GLY A 262 7.57 12.26 -31.16
CA GLY A 262 7.28 10.97 -31.82
C GLY A 262 5.88 10.43 -31.60
N GLY A 263 4.99 11.23 -31.00
CA GLY A 263 3.62 10.77 -30.74
C GLY A 263 3.58 9.95 -29.45
N VAL A 264 2.46 9.32 -29.20
CA VAL A 264 2.13 8.72 -27.95
C VAL A 264 1.86 7.22 -28.25
N PHE A 265 2.29 6.33 -27.37
CA PHE A 265 2.27 4.91 -27.62
C PHE A 265 1.37 4.35 -26.50
N LEU A 266 0.07 4.44 -26.68
CA LEU A 266 -0.80 4.08 -25.56
C LEU A 266 -0.77 2.56 -25.21
N ASP A 267 -0.60 1.70 -26.23
CA ASP A 267 -0.61 0.25 -26.03
C ASP A 267 0.56 -0.11 -25.20
N GLN A 268 1.73 0.34 -25.61
CA GLN A 268 2.96 0.04 -24.91
C GLN A 268 2.92 0.66 -23.50
N SER A 269 2.33 1.82 -23.39
CA SER A 269 2.26 2.53 -22.08
C SER A 269 1.40 1.68 -21.15
N ARG A 270 0.25 1.20 -21.64
CA ARG A 270 -0.62 0.27 -20.81
C ARG A 270 0.11 -0.96 -20.40
N GLU A 271 0.83 -1.54 -21.33
CA GLU A 271 1.62 -2.71 -21.01
C GLU A 271 2.68 -2.44 -19.92
N TRP A 272 3.42 -1.33 -20.06
CA TRP A 272 4.31 -0.93 -18.99
C TRP A 272 3.59 -0.68 -17.63
N LEU A 273 2.45 0.00 -17.62
CA LEU A 273 1.81 0.34 -16.28
C LEU A 273 1.22 -0.95 -15.66
N LYS A 274 0.78 -1.84 -16.54
CA LYS A 274 0.29 -3.15 -16.05
C LYS A 274 1.45 -3.84 -15.37
N TYR A 275 2.65 -3.76 -15.96
CA TYR A 275 3.84 -4.46 -15.42
C TYR A 275 4.20 -3.80 -14.06
N LEU A 276 4.19 -2.47 -14.02
CA LEU A 276 4.54 -1.76 -12.75
C LEU A 276 3.51 -2.09 -11.63
N ASP A 277 2.24 -2.03 -11.98
CA ASP A 277 1.20 -2.50 -11.06
C ASP A 277 1.50 -3.91 -10.50
N SER A 278 1.80 -4.82 -11.42
CA SER A 278 2.07 -6.25 -11.12
C SER A 278 3.17 -6.40 -10.07
N LYS A 279 4.09 -5.45 -10.01
CA LYS A 279 5.13 -5.46 -8.98
C LYS A 279 4.96 -4.29 -7.95
N THR A 280 3.81 -3.61 -7.93
CA THR A 280 3.52 -2.46 -7.02
C THR A 280 4.66 -1.39 -7.06
N ILE A 281 5.13 -1.12 -8.28
CA ILE A 281 6.25 -0.14 -8.47
C ILE A 281 5.68 1.23 -8.61
N SER A 282 6.16 2.16 -7.77
CA SER A 282 5.71 3.54 -7.88
C SER A 282 6.22 4.22 -9.16
N TRP A 283 5.49 5.16 -9.67
CA TRP A 283 5.96 5.80 -10.90
C TRP A 283 5.60 7.31 -11.03
N VAL A 284 6.36 8.01 -11.89
CA VAL A 284 6.23 9.45 -12.08
C VAL A 284 6.42 9.64 -13.55
N ASN A 285 5.40 10.21 -14.18
CA ASN A 285 5.38 10.48 -15.62
C ASN A 285 6.16 11.75 -15.94
N TRP A 286 6.76 11.78 -17.16
CA TRP A 286 7.45 12.96 -17.69
C TRP A 286 6.59 13.47 -18.84
N ASN A 287 6.09 14.72 -18.82
CA ASN A 287 6.37 15.77 -17.82
C ASN A 287 5.24 16.76 -17.82
N LEU A 288 5.11 17.53 -16.73
CA LEU A 288 4.12 18.59 -16.66
C LEU A 288 4.70 19.89 -17.26
N SER A 289 4.42 20.16 -18.53
CA SER A 289 4.81 21.44 -19.12
C SER A 289 4.01 21.61 -20.38
N ASP A 290 4.16 22.77 -21.03
CA ASP A 290 3.55 22.98 -22.30
C ASP A 290 4.62 23.00 -23.34
N LYS A 291 5.75 22.32 -23.09
CA LYS A 291 6.78 22.28 -24.14
C LYS A 291 6.12 21.62 -25.35
N GLN A 292 6.41 22.04 -26.57
CA GLN A 292 5.66 21.49 -27.75
C GLN A 292 6.26 20.15 -28.23
N GLU A 293 5.97 19.05 -27.54
CA GLU A 293 6.47 17.72 -27.86
C GLU A 293 5.51 16.76 -27.18
N SER A 294 5.47 15.52 -27.66
CA SER A 294 4.37 14.62 -27.24
C SER A 294 4.39 14.30 -25.74
N SER A 295 5.56 14.30 -25.11
CA SER A 295 5.55 13.86 -23.69
C SER A 295 4.98 14.91 -22.74
N SER A 296 4.83 16.18 -23.19
CA SER A 296 4.29 17.21 -22.29
C SER A 296 2.82 16.91 -21.99
N ALA A 297 2.38 17.05 -20.73
CA ALA A 297 0.99 16.78 -20.28
C ALA A 297 0.06 17.88 -20.77
N LEU A 298 0.60 19.10 -21.01
CA LEU A 298 -0.28 20.31 -21.22
C LEU A 298 -0.15 20.93 -22.56
N LYS A 299 -1.23 21.54 -23.07
CA LYS A 299 -1.14 22.32 -24.31
C LYS A 299 -0.77 23.76 -24.00
N PRO A 300 0.00 24.42 -24.89
CA PRO A 300 0.37 25.85 -24.69
C PRO A 300 -0.87 26.63 -24.38
N GLY A 301 -0.76 27.53 -23.41
CA GLY A 301 -1.87 28.43 -23.05
C GLY A 301 -2.58 27.97 -21.81
N ALA A 302 -2.34 26.70 -21.46
CA ALA A 302 -2.89 26.06 -20.23
C ALA A 302 -2.39 26.82 -19.01
N SER A 303 -3.29 27.13 -18.08
CA SER A 303 -2.94 27.83 -16.83
C SER A 303 -1.72 27.31 -16.07
N LYS A 304 -0.88 28.21 -15.59
CA LYS A 304 0.25 27.91 -14.76
C LYS A 304 -0.21 27.51 -13.37
N THR A 305 -1.45 27.80 -12.99
CA THR A 305 -1.90 27.46 -11.64
C THR A 305 -2.97 26.35 -11.62
N GLY A 306 -3.02 25.56 -12.67
CA GLY A 306 -3.90 24.38 -12.70
C GLY A 306 -5.35 24.72 -13.07
N GLY A 307 -6.30 23.86 -12.64
CA GLY A 307 -7.70 24.07 -13.06
C GLY A 307 -7.92 23.75 -14.53
N TRP A 308 -7.17 22.81 -15.14
CA TRP A 308 -7.26 22.56 -16.58
C TRP A 308 -8.50 21.76 -16.98
N ARG A 309 -9.20 22.24 -18.02
CA ARG A 309 -10.21 21.44 -18.80
C ARG A 309 -9.49 20.27 -19.50
N LEU A 310 -10.21 19.23 -19.91
CA LEU A 310 -9.60 18.16 -20.65
C LEU A 310 -9.03 18.63 -21.97
N SER A 311 -9.55 19.73 -22.52
CA SER A 311 -9.04 20.30 -23.76
C SER A 311 -7.73 21.06 -23.56
N ASP A 312 -7.37 21.30 -22.30
CA ASP A 312 -6.06 21.86 -21.96
C ASP A 312 -5.00 20.76 -21.93
N LEU A 313 -5.39 19.48 -21.82
CA LEU A 313 -4.42 18.39 -21.65
C LEU A 313 -4.05 17.85 -23.00
N SER A 314 -2.82 17.37 -23.14
CA SER A 314 -2.39 16.76 -24.36
C SER A 314 -2.91 15.32 -24.34
N ALA A 315 -2.69 14.58 -25.43
CA ALA A 315 -3.04 13.15 -25.45
C ALA A 315 -2.26 12.42 -24.32
N SER A 316 -0.99 12.77 -24.12
CA SER A 316 -0.21 12.17 -23.01
C SER A 316 -0.84 12.50 -21.66
N GLY A 317 -1.09 13.80 -21.42
CA GLY A 317 -1.66 14.33 -20.18
C GLY A 317 -2.97 13.64 -19.82
N THR A 318 -3.87 13.55 -20.82
CA THR A 318 -5.14 12.82 -20.65
C THR A 318 -4.92 11.39 -20.17
N PHE A 319 -4.09 10.61 -20.87
CA PHE A 319 -3.83 9.21 -20.49
C PHE A 319 -3.24 9.13 -19.09
N VAL A 320 -2.31 10.02 -18.79
CA VAL A 320 -1.56 9.88 -17.57
C VAL A 320 -2.51 10.11 -16.40
N ARG A 321 -3.30 11.16 -16.52
CA ARG A 321 -4.30 11.54 -15.51
C ARG A 321 -5.30 10.38 -15.31
N GLU A 322 -5.72 9.74 -16.41
CA GLU A 322 -6.69 8.61 -16.31
C GLU A 322 -6.08 7.50 -15.48
N ASN A 323 -4.81 7.22 -15.73
CA ASN A 323 -4.11 6.19 -15.02
C ASN A 323 -3.74 6.46 -13.59
N ILE A 324 -3.62 7.74 -13.22
CA ILE A 324 -3.36 8.07 -11.81
C ILE A 324 -4.67 7.91 -11.03
N LEU A 325 -5.76 8.45 -11.56
CA LEU A 325 -7.10 8.18 -11.02
C LEU A 325 -7.50 6.68 -10.97
N GLY A 326 -7.06 5.86 -11.94
CA GLY A 326 -7.39 4.41 -11.95
C GLY A 326 -8.84 4.06 -12.29
N VAL B 31 -26.15 -17.13 14.84
CA VAL B 31 -25.70 -18.17 15.79
C VAL B 31 -26.90 -18.94 16.35
N ALA B 32 -28.08 -18.29 16.39
CA ALA B 32 -29.30 -18.96 16.90
C ALA B 32 -29.52 -20.32 16.18
N LYS B 33 -29.47 -20.27 14.85
CA LYS B 33 -29.75 -21.43 14.01
C LYS B 33 -28.48 -22.20 13.59
N ASN B 34 -27.33 -21.52 13.51
CA ASN B 34 -26.05 -22.17 13.14
C ASN B 34 -25.28 -22.77 14.34
N GLY B 35 -25.30 -22.05 15.48
CA GLY B 35 -24.53 -22.46 16.68
C GLY B 35 -23.06 -22.72 16.38
N GLN B 36 -22.56 -23.86 16.85
CA GLN B 36 -21.15 -24.14 16.83
C GLN B 36 -20.75 -24.35 15.37
N LEU B 37 -19.68 -23.69 14.94
CA LEU B 37 -19.17 -23.93 13.57
C LEU B 37 -18.08 -24.96 13.59
N SER B 38 -17.94 -25.67 12.47
CA SER B 38 -16.74 -26.46 12.28
C SER B 38 -16.29 -26.51 10.80
N ILE B 39 -15.14 -27.15 10.57
CA ILE B 39 -14.58 -27.19 9.18
C ILE B 39 -14.84 -28.59 8.56
N LYS B 40 -15.34 -28.64 7.30
CA LYS B 40 -15.34 -29.87 6.48
C LYS B 40 -14.69 -29.63 5.15
N GLY B 41 -13.43 -30.07 5.00
CA GLY B 41 -12.66 -29.80 3.78
C GLY B 41 -12.35 -28.29 3.84
N THR B 42 -12.74 -27.56 2.80
CA THR B 42 -12.52 -26.10 2.78
C THR B 42 -13.77 -25.37 3.34
N GLN B 43 -14.83 -26.13 3.73
CA GLN B 43 -16.15 -25.54 3.95
C GLN B 43 -16.42 -25.30 5.43
N LEU B 44 -16.97 -24.14 5.75
CA LEU B 44 -17.42 -23.87 7.10
C LEU B 44 -18.83 -24.45 7.20
N VAL B 45 -19.08 -25.26 8.22
CA VAL B 45 -20.38 -25.82 8.41
C VAL B 45 -21.02 -25.59 9.82
N ASN B 46 -22.34 -25.60 9.85
CA ASN B 46 -23.05 -25.40 11.13
C ASN B 46 -23.31 -26.70 11.82
N ARG B 47 -24.11 -26.63 12.88
CA ARG B 47 -24.29 -27.79 13.77
C ARG B 47 -24.92 -28.92 12.98
N ASP B 48 -25.77 -28.58 12.02
CA ASP B 48 -26.45 -29.61 11.21
C ASP B 48 -25.58 -30.13 10.03
N GLY B 49 -24.36 -29.65 9.88
CA GLY B 49 -23.52 -30.11 8.75
C GLY B 49 -23.76 -29.34 7.47
N LYS B 50 -24.55 -28.28 7.52
CA LYS B 50 -24.76 -27.45 6.36
C LYS B 50 -23.65 -26.41 6.17
N ALA B 51 -23.28 -26.15 4.92
CA ALA B 51 -22.31 -25.06 4.61
C ALA B 51 -22.93 -23.67 4.92
N VAL B 52 -22.09 -22.83 5.44
CA VAL B 52 -22.48 -21.54 5.92
C VAL B 52 -21.49 -20.57 5.29
N GLN B 53 -21.97 -19.39 4.89
CA GLN B 53 -21.09 -18.31 4.44
C GLN B 53 -21.35 -17.06 5.32
N LEU B 54 -20.38 -16.59 6.11
CA LEU B 54 -20.60 -15.39 6.95
C LEU B 54 -20.23 -14.11 6.15
N LYS B 55 -20.90 -12.99 6.47
CA LYS B 55 -20.61 -11.69 5.85
C LYS B 55 -20.73 -10.61 6.92
N GLY B 56 -19.79 -9.68 6.89
CA GLY B 56 -19.81 -8.63 7.90
C GLY B 56 -18.72 -7.61 7.69
N ILE B 57 -18.29 -7.01 8.79
CA ILE B 57 -17.48 -5.83 8.70
C ILE B 57 -16.58 -5.83 9.90
N SER B 58 -15.40 -5.22 9.73
CA SER B 58 -14.37 -5.18 10.74
C SER B 58 -14.36 -3.77 11.32
N SER B 59 -14.10 -3.66 12.61
CA SER B 59 -13.75 -2.38 13.18
C SER B 59 -12.44 -1.91 12.49
N HIS B 60 -12.16 -0.60 12.56
CA HIS B 60 -10.76 -0.15 12.35
C HIS B 60 -10.03 -0.52 13.62
N GLY B 61 -8.78 -0.07 13.78
CA GLY B 61 -8.05 -0.39 14.98
C GLY B 61 -8.80 0.14 16.20
N LEU B 62 -8.93 -0.71 17.21
CA LEU B 62 -9.84 -0.43 18.31
C LEU B 62 -9.27 0.76 19.10
N GLN B 63 -7.97 1.05 18.98
CA GLN B 63 -7.39 2.16 19.78
C GLN B 63 -7.74 3.52 19.16
N TRP B 64 -8.24 3.46 17.92
CA TRP B 64 -8.56 4.67 17.13
C TRP B 64 -10.05 4.82 16.86
N TYR B 65 -10.76 3.71 16.66
CA TYR B 65 -12.18 3.75 16.33
C TYR B 65 -13.03 2.74 17.12
N GLY B 66 -12.50 2.33 18.26
CA GLY B 66 -13.25 1.53 19.28
C GLY B 66 -14.61 2.14 19.65
N GLU B 67 -14.74 3.46 19.54
CA GLU B 67 -16.04 4.10 19.91
C GLU B 67 -17.17 3.64 19.00
N TYR B 68 -16.85 3.22 17.75
CA TYR B 68 -17.88 2.65 16.84
C TYR B 68 -18.32 1.20 17.18
N VAL B 69 -17.65 0.58 18.15
CA VAL B 69 -17.86 -0.81 18.53
C VAL B 69 -18.54 -0.86 19.94
N ASN B 70 -19.80 -1.19 19.92
CA ASN B 70 -20.58 -1.24 21.16
C ASN B 70 -21.87 -2.01 20.83
N LYS B 71 -22.68 -2.31 21.86
CA LYS B 71 -23.89 -3.11 21.66
C LYS B 71 -24.85 -2.44 20.67
N ASP B 72 -25.01 -1.13 20.70
CA ASP B 72 -25.97 -0.47 19.80
C ASP B 72 -25.59 -0.51 18.31
N SER B 73 -24.33 -0.23 18.02
CA SER B 73 -23.94 -0.27 16.59
C SER B 73 -23.98 -1.68 16.03
N LEU B 74 -23.51 -2.63 16.80
CA LEU B 74 -23.50 -4.02 16.39
C LEU B 74 -24.93 -4.50 16.20
N LYS B 75 -25.87 -4.01 17.04
CA LYS B 75 -27.29 -4.37 16.86
C LYS B 75 -27.82 -3.82 15.56
N TRP B 76 -27.48 -2.57 15.30
CA TRP B 76 -27.89 -1.91 14.07
C TRP B 76 -27.36 -2.66 12.84
N LEU B 77 -26.08 -3.02 12.89
CA LEU B 77 -25.43 -3.70 11.76
C LEU B 77 -26.14 -5.07 11.55
N ARG B 78 -26.44 -5.79 12.62
CA ARG B 78 -27.27 -7.02 12.52
C ARG B 78 -28.59 -6.78 11.84
N ASP B 79 -29.33 -5.73 12.27
CA ASP B 79 -30.73 -5.58 11.87
C ASP B 79 -30.85 -4.89 10.58
N ASP B 80 -30.00 -3.88 10.37
CA ASP B 80 -30.16 -3.07 9.19
C ASP B 80 -29.28 -3.52 8.02
N TRP B 81 -28.06 -4.00 8.31
CA TRP B 81 -27.17 -4.52 7.23
C TRP B 81 -27.24 -6.04 7.04
N GLY B 82 -27.71 -6.74 8.06
CA GLY B 82 -27.85 -8.18 7.96
C GLY B 82 -26.50 -8.86 8.29
N ILE B 83 -25.59 -8.18 8.99
CA ILE B 83 -24.28 -8.87 9.19
C ILE B 83 -24.41 -10.14 10.01
N THR B 84 -23.51 -11.14 9.80
CA THR B 84 -23.56 -12.35 10.60
C THR B 84 -22.29 -12.55 11.36
N VAL B 85 -21.34 -11.65 11.14
CA VAL B 85 -20.05 -11.71 11.83
C VAL B 85 -19.52 -10.29 11.98
N PHE B 86 -18.83 -10.03 13.10
CA PHE B 86 -18.17 -8.77 13.32
C PHE B 86 -16.73 -9.00 13.74
N ARG B 87 -15.79 -8.22 13.21
CA ARG B 87 -14.41 -8.47 13.53
C ARG B 87 -13.86 -7.33 14.37
N ALA B 88 -13.19 -7.68 15.49
CA ALA B 88 -12.71 -6.71 16.42
C ALA B 88 -11.22 -6.66 16.21
N ALA B 89 -10.76 -5.58 15.56
CA ALA B 89 -9.36 -5.49 15.10
C ALA B 89 -8.55 -4.90 16.19
N MET B 90 -7.93 -5.78 16.99
CA MET B 90 -7.15 -5.27 18.12
C MET B 90 -5.69 -5.18 17.70
N TYR B 91 -5.27 -3.97 17.27
CA TYR B 91 -3.87 -3.75 16.94
C TYR B 91 -3.00 -4.17 18.13
N THR B 92 -1.87 -4.76 17.82
CA THR B 92 -0.84 -5.09 18.77
C THR B 92 0.14 -3.89 18.92
N ALA B 93 0.66 -3.37 17.78
CA ALA B 93 1.62 -2.23 17.77
C ALA B 93 0.89 -0.89 17.63
N ASP B 94 1.65 0.23 17.52
CA ASP B 94 1.04 1.54 17.18
C ASP B 94 -0.09 1.99 18.12
N GLY B 95 0.23 1.93 19.40
CA GLY B 95 -0.69 2.43 20.42
C GLY B 95 -1.78 1.38 20.65
N GLY B 96 -1.58 0.16 20.13
CA GLY B 96 -2.50 -0.94 20.34
C GLY B 96 -2.20 -1.67 21.65
N TYR B 97 -2.45 -2.99 21.68
CA TYR B 97 -2.43 -3.76 22.91
C TYR B 97 -1.05 -3.88 23.58
N ILE B 98 0.03 -3.90 22.80
CA ILE B 98 1.39 -3.92 23.38
C ILE B 98 1.64 -2.67 24.26
N ASP B 99 1.13 -1.47 23.93
CA ASP B 99 1.40 -0.16 24.63
C ASP B 99 0.23 0.32 25.50
N ASN B 100 -0.91 -0.30 25.34
CA ASN B 100 -2.04 0.05 26.12
C ASN B 100 -2.94 -1.18 26.00
N PRO B 101 -2.62 -2.24 26.79
CA PRO B 101 -3.42 -3.52 26.87
C PRO B 101 -4.93 -3.34 27.27
N SER B 102 -5.24 -2.15 27.75
CA SER B 102 -6.58 -1.69 28.06
C SER B 102 -7.55 -1.81 26.85
N VAL B 103 -7.03 -1.95 25.63
CA VAL B 103 -7.90 -2.08 24.46
C VAL B 103 -8.59 -3.48 24.45
N LYS B 104 -8.04 -4.44 25.18
CA LYS B 104 -8.72 -5.71 25.33
C LYS B 104 -10.17 -5.59 25.88
N ASN B 105 -10.42 -4.54 26.66
CA ASN B 105 -11.77 -4.33 27.15
C ASN B 105 -12.73 -4.10 26.04
N LYS B 106 -12.30 -3.42 24.99
CA LYS B 106 -13.17 -3.29 23.81
C LYS B 106 -13.44 -4.66 23.14
N VAL B 107 -12.43 -5.52 23.08
CA VAL B 107 -12.64 -6.82 22.46
C VAL B 107 -13.76 -7.51 23.29
N LYS B 108 -13.67 -7.47 24.63
CA LYS B 108 -14.64 -8.18 25.51
C LYS B 108 -16.03 -7.62 25.31
N GLU B 109 -16.12 -6.29 25.21
CA GLU B 109 -17.39 -5.62 24.94
C GLU B 109 -18.00 -6.10 23.60
N ALA B 110 -17.20 -6.19 22.55
CA ALA B 110 -17.68 -6.72 21.22
C ALA B 110 -18.11 -8.19 21.37
N VAL B 111 -17.32 -8.98 22.10
CA VAL B 111 -17.66 -10.38 22.28
C VAL B 111 -19.01 -10.58 23.06
N GLU B 112 -19.16 -9.83 24.15
CA GLU B 112 -20.45 -9.81 24.86
C GLU B 112 -21.63 -9.35 24.02
N ALA B 113 -21.46 -8.27 23.25
CA ALA B 113 -22.53 -7.84 22.33
C ALA B 113 -22.93 -8.94 21.35
N ALA B 114 -21.93 -9.64 20.83
CA ALA B 114 -22.14 -10.65 19.80
C ALA B 114 -22.93 -11.85 20.40
N LYS B 115 -22.55 -12.28 21.60
CA LYS B 115 -23.34 -13.27 22.35
C LYS B 115 -24.82 -12.91 22.58
N GLU B 116 -25.09 -11.64 22.91
CA GLU B 116 -26.42 -11.17 23.20
C GLU B 116 -27.15 -11.04 21.94
N LEU B 117 -26.44 -10.74 20.85
CA LEU B 117 -27.14 -10.49 19.64
C LEU B 117 -27.25 -11.71 18.75
N GLY B 118 -26.53 -12.76 19.05
CA GLY B 118 -26.53 -13.97 18.19
C GLY B 118 -25.74 -13.85 16.87
N ILE B 119 -24.60 -13.17 16.91
CA ILE B 119 -23.75 -13.11 15.72
C ILE B 119 -22.39 -13.66 16.08
N TYR B 120 -21.62 -14.06 15.07
CA TYR B 120 -20.22 -14.40 15.27
C TYR B 120 -19.32 -13.16 15.44
N VAL B 121 -18.24 -13.36 16.15
CA VAL B 121 -17.30 -12.32 16.42
C VAL B 121 -15.92 -12.88 16.26
N ILE B 122 -15.11 -12.16 15.45
CA ILE B 122 -13.71 -12.49 15.31
C ILE B 122 -12.84 -11.66 16.26
N ILE B 123 -12.04 -12.37 17.02
CA ILE B 123 -11.10 -11.70 17.89
C ILE B 123 -9.77 -11.69 17.13
N ASP B 124 -9.34 -10.51 16.69
CA ASP B 124 -8.23 -10.35 15.73
C ASP B 124 -7.05 -9.68 16.41
N TRP B 125 -6.00 -10.50 16.62
CA TRP B 125 -4.67 -10.12 17.08
C TRP B 125 -4.01 -9.45 15.88
N HIS B 126 -4.14 -8.12 15.82
CA HIS B 126 -4.00 -7.43 14.54
C HIS B 126 -2.57 -6.96 14.37
N ILE B 127 -1.68 -7.90 14.01
CA ILE B 127 -0.31 -7.55 13.77
C ILE B 127 -0.24 -6.84 12.40
N LEU B 128 0.72 -5.95 12.23
CA LEU B 128 0.86 -5.31 10.91
C LEU B 128 2.27 -4.71 10.82
N ASN B 129 2.53 -3.56 11.44
CA ASN B 129 3.97 -3.10 11.50
C ASN B 129 4.90 -4.13 12.12
N ASP B 130 4.43 -4.78 13.18
CA ASP B 130 5.16 -5.96 13.73
C ASP B 130 4.83 -7.17 12.85
N GLY B 131 5.32 -7.17 11.62
CA GLY B 131 4.91 -8.17 10.66
C GLY B 131 5.30 -9.65 10.83
N ASN B 132 6.23 -9.91 11.75
CA ASN B 132 6.58 -11.28 12.10
C ASN B 132 5.78 -11.59 13.36
N PRO B 133 4.82 -12.51 13.26
CA PRO B 133 4.02 -12.83 14.45
C PRO B 133 4.84 -13.36 15.62
N ASN B 134 6.04 -13.87 15.33
CA ASN B 134 6.95 -14.25 16.41
C ASN B 134 7.41 -13.06 17.28
N GLN B 135 7.40 -11.84 16.72
CA GLN B 135 7.81 -10.66 17.50
CA GLN B 135 7.79 -10.62 17.45
C GLN B 135 7.03 -10.52 18.83
N ASN B 136 5.69 -10.63 18.84
CA ASN B 136 4.93 -10.48 20.07
C ASN B 136 4.24 -11.77 20.54
N LYS B 137 4.90 -12.88 20.27
CA LYS B 137 4.34 -14.21 20.44
C LYS B 137 3.98 -14.55 21.88
N GLU B 138 4.90 -14.26 22.82
CA GLU B 138 4.54 -14.57 24.22
C GLU B 138 3.32 -13.79 24.70
N LYS B 139 3.26 -12.48 24.41
CA LYS B 139 2.03 -11.70 24.72
C LYS B 139 0.79 -12.27 23.98
N ALA B 140 0.97 -12.68 22.72
CA ALA B 140 -0.16 -13.33 21.99
C ALA B 140 -0.66 -14.56 22.72
N LYS B 141 0.29 -15.41 23.12
CA LYS B 141 -0.09 -16.63 23.86
C LYS B 141 -0.91 -16.32 25.11
N GLU B 142 -0.45 -15.34 25.88
CA GLU B 142 -1.15 -14.94 27.09
C GLU B 142 -2.54 -14.40 26.76
N PHE B 143 -2.60 -13.53 25.76
CA PHE B 143 -3.88 -12.90 25.39
C PHE B 143 -4.85 -13.99 24.98
N PHE B 144 -4.40 -14.96 24.16
CA PHE B 144 -5.35 -15.95 23.66
C PHE B 144 -5.67 -17.02 24.70
N LYS B 145 -4.72 -17.29 25.58
CA LYS B 145 -5.07 -18.06 26.79
C LYS B 145 -6.22 -17.43 27.52
N GLU B 146 -6.12 -16.14 27.77
CA GLU B 146 -7.19 -15.46 28.46
C GLU B 146 -8.49 -15.43 27.64
N MET B 147 -8.41 -15.15 26.31
CA MET B 147 -9.66 -15.15 25.52
C MET B 147 -10.35 -16.52 25.49
N SER B 148 -9.59 -17.59 25.26
CA SER B 148 -10.18 -18.96 25.16
C SER B 148 -10.70 -19.45 26.55
N SER B 149 -9.97 -19.11 27.61
CA SER B 149 -10.46 -19.28 28.99
C SER B 149 -11.84 -18.62 29.18
N LEU B 150 -11.98 -17.34 28.84
CA LEU B 150 -13.29 -16.70 28.94
C LEU B 150 -14.38 -17.26 28.03
N TYR B 151 -14.00 -17.50 26.77
CA TYR B 151 -15.04 -17.73 25.77
C TYR B 151 -14.94 -19.11 25.16
N GLY B 152 -14.11 -19.96 25.72
CA GLY B 152 -13.93 -21.31 25.18
C GLY B 152 -15.19 -22.13 25.01
N ASN B 153 -16.22 -21.85 25.80
CA ASN B 153 -17.43 -22.60 25.61
C ASN B 153 -18.48 -21.83 24.89
N THR B 154 -18.11 -20.77 24.15
CA THR B 154 -19.17 -20.03 23.43
C THR B 154 -19.08 -20.22 21.89
N PRO B 155 -20.19 -20.51 21.23
CA PRO B 155 -20.01 -20.77 19.78
C PRO B 155 -19.76 -19.49 18.90
N ASN B 156 -20.05 -18.28 19.45
CA ASN B 156 -19.86 -17.00 18.67
C ASN B 156 -18.39 -16.71 18.29
N VAL B 157 -17.47 -17.24 19.05
CA VAL B 157 -16.10 -16.75 18.98
C VAL B 157 -15.30 -17.46 17.86
N ILE B 158 -14.67 -16.63 17.03
CA ILE B 158 -13.64 -17.09 16.07
C ILE B 158 -12.30 -16.39 16.39
N TYR B 159 -11.20 -17.12 16.42
CA TYR B 159 -9.90 -16.53 16.77
C TYR B 159 -9.05 -16.30 15.51
N GLU B 160 -8.58 -15.06 15.34
CA GLU B 160 -7.68 -14.74 14.21
C GLU B 160 -6.37 -14.32 14.83
N ILE B 161 -5.41 -15.21 14.75
CA ILE B 161 -4.26 -15.15 15.61
C ILE B 161 -3.12 -14.30 15.05
N ALA B 162 -3.19 -13.88 13.78
CA ALA B 162 -2.13 -13.02 13.18
C ALA B 162 -2.64 -12.35 11.90
N ASN B 163 -3.26 -11.16 12.03
CA ASN B 163 -3.86 -10.41 10.93
C ASN B 163 -3.09 -10.52 9.60
N GLU B 164 -1.95 -9.84 9.54
CA GLU B 164 -1.17 -9.74 8.30
C GLU B 164 0.36 -9.91 8.53
N PRO B 165 0.86 -11.14 8.57
CA PRO B 165 2.29 -11.35 8.42
C PRO B 165 2.81 -10.65 7.17
N ASN B 166 3.95 -10.02 7.27
CA ASN B 166 4.48 -9.32 6.10
C ASN B 166 5.94 -9.07 6.25
N GLY B 167 6.63 -8.74 5.15
CA GLY B 167 8.14 -8.56 5.20
C GLY B 167 8.76 -9.95 4.98
N ASP B 168 9.95 -10.19 5.52
CA ASP B 168 10.65 -11.46 5.19
C ASP B 168 10.17 -12.47 6.21
N VAL B 169 8.94 -12.94 6.01
CA VAL B 169 8.21 -13.69 6.97
C VAL B 169 7.45 -14.72 6.11
N ASN B 170 7.78 -16.00 6.26
CA ASN B 170 7.17 -16.99 5.44
C ASN B 170 6.49 -18.08 6.22
N TRP B 171 5.71 -18.89 5.50
CA TRP B 171 4.84 -19.83 6.16
C TRP B 171 5.67 -20.91 6.93
N LYS B 172 6.57 -21.62 6.24
CA LYS B 172 7.27 -22.80 6.85
C LYS B 172 8.15 -22.33 8.02
N ARG B 173 8.95 -21.29 7.76
CA ARG B 173 9.91 -20.76 8.76
C ARG B 173 9.30 -19.98 9.93
N ASP B 174 8.29 -19.16 9.66
CA ASP B 174 7.89 -18.15 10.63
C ASP B 174 6.46 -18.29 11.09
N ILE B 175 5.53 -18.45 10.15
CA ILE B 175 4.15 -18.33 10.53
C ILE B 175 3.66 -19.65 11.11
N LYS B 176 4.01 -20.77 10.46
CA LYS B 176 3.42 -22.03 10.92
C LYS B 176 3.85 -22.35 12.35
N PRO B 177 5.15 -22.18 12.69
CA PRO B 177 5.58 -22.50 14.08
C PRO B 177 4.89 -21.59 15.11
N TYR B 178 4.71 -20.30 14.77
CA TYR B 178 3.91 -19.40 15.61
C TYR B 178 2.53 -19.95 15.76
N ALA B 179 1.93 -20.39 14.63
CA ALA B 179 0.53 -20.83 14.71
C ALA B 179 0.36 -22.12 15.60
N GLU B 180 1.25 -23.08 15.40
CA GLU B 180 1.22 -24.30 16.28
C GLU B 180 1.22 -23.94 17.79
N GLU B 181 2.08 -23.00 18.18
CA GLU B 181 2.15 -22.55 19.55
C GLU B 181 0.87 -21.93 20.07
N VAL B 182 0.29 -21.04 19.27
CA VAL B 182 -0.88 -20.36 19.75
C VAL B 182 -2.06 -21.30 19.70
N ILE B 183 -2.10 -22.16 18.68
CA ILE B 183 -3.19 -23.12 18.56
C ILE B 183 -3.21 -24.06 19.83
N SER B 184 -2.04 -24.54 20.26
CA SER B 184 -1.97 -25.37 21.50
C SER B 184 -2.53 -24.63 22.69
N VAL B 185 -2.17 -23.35 22.90
CA VAL B 185 -2.78 -22.66 24.04
C VAL B 185 -4.29 -22.51 23.96
N ILE B 186 -4.83 -22.22 22.77
CA ILE B 186 -6.27 -22.05 22.65
C ILE B 186 -6.96 -23.40 22.84
N ARG B 187 -6.30 -24.48 22.36
CA ARG B 187 -7.01 -25.74 22.31
C ARG B 187 -7.14 -26.35 23.71
N LYS B 188 -6.31 -25.91 24.65
CA LYS B 188 -6.43 -26.34 26.08
C LYS B 188 -7.70 -25.82 26.67
N ASN B 189 -8.14 -24.62 26.28
CA ASN B 189 -9.42 -24.09 26.74
C ASN B 189 -10.59 -24.18 25.79
N ASP B 190 -10.37 -24.44 24.49
CA ASP B 190 -11.47 -24.32 23.51
C ASP B 190 -11.18 -25.34 22.45
N PRO B 191 -11.75 -26.53 22.58
CA PRO B 191 -11.24 -27.57 21.71
C PRO B 191 -11.74 -27.47 20.25
N ASP B 192 -12.79 -26.71 19.97
CA ASP B 192 -13.42 -26.76 18.65
C ASP B 192 -13.69 -25.44 17.89
N ASN B 193 -13.52 -24.26 18.52
CA ASN B 193 -13.91 -22.99 17.82
C ASN B 193 -12.94 -22.68 16.70
N ILE B 194 -13.39 -21.98 15.65
CA ILE B 194 -12.54 -21.75 14.43
C ILE B 194 -11.31 -20.91 14.78
N ILE B 195 -10.13 -21.37 14.41
CA ILE B 195 -8.92 -20.57 14.36
C ILE B 195 -8.51 -20.17 12.92
N ILE B 196 -8.42 -18.84 12.66
CA ILE B 196 -7.92 -18.34 11.35
C ILE B 196 -6.47 -17.86 11.46
N VAL B 197 -5.58 -18.33 10.57
CA VAL B 197 -4.19 -17.97 10.61
C VAL B 197 -3.85 -17.17 9.33
N GLY B 198 -3.22 -16.03 9.59
CA GLY B 198 -2.74 -15.13 8.52
C GLY B 198 -1.63 -15.76 7.70
N THR B 199 -1.35 -15.18 6.54
CA THR B 199 -0.41 -15.79 5.63
C THR B 199 0.56 -14.72 5.14
N GLY B 200 1.63 -15.14 4.45
CA GLY B 200 2.70 -14.18 4.08
C GLY B 200 2.22 -13.13 3.05
N THR B 201 3.03 -12.06 2.94
CA THR B 201 2.75 -10.94 2.04
C THR B 201 1.37 -10.31 2.34
N TRP B 202 1.13 -9.89 3.59
CA TRP B 202 -0.14 -9.30 3.99
C TRP B 202 -1.33 -10.23 3.67
N SER B 203 -1.19 -11.48 4.08
CA SER B 203 -2.22 -12.55 4.02
C SER B 203 -2.67 -12.69 2.56
N GLN B 204 -1.69 -12.77 1.67
CA GLN B 204 -1.89 -13.19 0.28
C GLN B 204 -1.44 -14.63 0.01
N ASP B 205 -0.37 -15.07 0.67
CA ASP B 205 0.37 -16.34 0.28
C ASP B 205 -0.30 -17.61 0.87
N VAL B 206 -1.60 -17.71 0.62
CA VAL B 206 -2.37 -18.88 1.04
C VAL B 206 -1.87 -20.15 0.37
N ASN B 207 -1.30 -20.05 -0.84
CA ASN B 207 -0.71 -21.25 -1.52
C ASN B 207 0.41 -21.89 -0.71
N ASP B 208 1.24 -21.08 -0.02
CA ASP B 208 2.28 -21.66 0.81
C ASP B 208 1.71 -22.37 2.02
N ALA B 209 0.64 -21.83 2.61
CA ALA B 209 0.04 -22.51 3.76
C ALA B 209 -0.58 -23.85 3.28
N ALA B 210 -1.20 -23.78 2.11
CA ALA B 210 -1.86 -24.98 1.52
C ALA B 210 -0.82 -26.11 1.29
N ASP B 211 0.41 -25.75 0.96
CA ASP B 211 1.50 -26.74 0.73
C ASP B 211 1.98 -27.43 2.03
N ASP B 212 1.60 -26.88 3.17
CA ASP B 212 2.20 -27.29 4.44
C ASP B 212 1.18 -26.98 5.55
N GLN B 213 -0.01 -27.57 5.38
CA GLN B 213 -1.17 -27.29 6.20
C GLN B 213 -1.01 -27.68 7.67
N LEU B 214 -1.67 -26.90 8.53
CA LEU B 214 -1.77 -27.21 9.94
C LEU B 214 -2.69 -28.40 10.13
N LYS B 215 -2.39 -29.17 11.17
CA LYS B 215 -3.13 -30.41 11.49
C LYS B 215 -4.43 -30.17 12.21
N ASP B 216 -4.50 -29.09 12.97
CA ASP B 216 -5.72 -28.77 13.64
C ASP B 216 -6.93 -28.90 12.73
N ALA B 217 -7.95 -29.58 13.25
CA ALA B 217 -9.13 -29.87 12.40
C ALA B 217 -9.98 -28.64 12.12
N ASN B 218 -9.82 -27.56 12.90
CA ASN B 218 -10.74 -26.48 12.73
C ASN B 218 -9.98 -25.18 12.51
N VAL B 219 -9.03 -25.21 11.56
CA VAL B 219 -8.23 -24.03 11.19
C VAL B 219 -8.61 -23.62 9.77
N MET B 220 -8.55 -22.30 9.56
CA MET B 220 -8.69 -21.67 8.24
C MET B 220 -7.50 -20.71 7.98
N TYR B 221 -7.26 -20.37 6.71
CA TYR B 221 -6.14 -19.46 6.39
C TYR B 221 -6.75 -18.13 5.91
N ALA B 222 -6.17 -17.00 6.28
CA ALA B 222 -6.71 -15.69 5.81
C ALA B 222 -6.22 -15.32 4.42
N LEU B 223 -7.13 -14.76 3.65
CA LEU B 223 -6.85 -14.10 2.40
C LEU B 223 -7.39 -12.66 2.53
N HIS B 224 -6.51 -11.69 2.23
CA HIS B 224 -6.88 -10.25 2.25
C HIS B 224 -6.66 -9.68 0.88
N PHE B 225 -7.63 -8.90 0.42
CA PHE B 225 -7.49 -8.28 -0.94
C PHE B 225 -8.09 -6.88 -0.91
N TYR B 226 -7.69 -6.02 -1.84
CA TYR B 226 -8.29 -4.72 -1.94
C TYR B 226 -8.62 -4.51 -3.44
N ALA B 227 -9.86 -4.15 -3.76
CA ALA B 227 -10.30 -4.11 -5.16
C ALA B 227 -9.44 -3.20 -6.02
N GLY B 228 -8.80 -2.19 -5.41
CA GLY B 228 -8.07 -1.14 -6.16
C GLY B 228 -6.66 -1.62 -6.48
N THR B 229 -6.25 -2.77 -5.90
CA THR B 229 -4.84 -3.24 -6.00
C THR B 229 -4.66 -4.70 -6.50
N HIS B 230 -5.49 -5.63 -6.02
CA HIS B 230 -5.24 -7.06 -6.26
C HIS B 230 -6.21 -7.62 -7.24
N GLY B 231 -5.72 -8.35 -8.23
CA GLY B 231 -6.62 -8.95 -9.21
C GLY B 231 -6.45 -10.48 -9.31
N GLN B 232 -6.56 -10.96 -10.55
CA GLN B 232 -6.49 -12.37 -10.89
C GLN B 232 -5.29 -13.12 -10.25
N PHE B 233 -4.14 -12.48 -10.11
CA PHE B 233 -2.97 -13.20 -9.61
C PHE B 233 -3.29 -13.75 -8.19
N LEU B 234 -4.07 -12.99 -7.42
CA LEU B 234 -4.44 -13.44 -6.09
C LEU B 234 -5.57 -14.42 -6.11
N ARG B 235 -6.55 -14.25 -6.99
CA ARG B 235 -7.51 -15.35 -7.18
C ARG B 235 -6.79 -16.65 -7.59
N ASP B 236 -5.73 -16.58 -8.39
CA ASP B 236 -4.98 -17.82 -8.71
C ASP B 236 -4.38 -18.55 -7.52
N LYS B 237 -3.80 -17.80 -6.60
CA LYS B 237 -3.24 -18.35 -5.39
C LYS B 237 -4.36 -18.98 -4.53
N ALA B 238 -5.47 -18.26 -4.37
CA ALA B 238 -6.61 -18.78 -3.60
C ALA B 238 -7.13 -20.08 -4.26
N ASN B 239 -7.29 -20.07 -5.58
CA ASN B 239 -7.72 -21.30 -6.31
C ASN B 239 -6.78 -22.46 -6.05
N TYR B 240 -5.48 -22.19 -6.08
CA TYR B 240 -4.50 -23.25 -5.84
C TYR B 240 -4.72 -23.77 -4.40
N ALA B 241 -4.95 -22.87 -3.43
CA ALA B 241 -5.02 -23.30 -2.05
C ALA B 241 -6.29 -24.12 -1.81
N LEU B 242 -7.41 -23.68 -2.37
CA LEU B 242 -8.68 -24.33 -2.22
C LEU B 242 -8.56 -25.71 -2.84
N SER B 243 -7.88 -25.77 -3.98
CA SER B 243 -7.74 -27.10 -4.67
C SER B 243 -7.07 -28.12 -3.76
N LYS B 244 -6.12 -27.66 -2.92
CA LYS B 244 -5.38 -28.50 -1.94
C LYS B 244 -6.10 -28.64 -0.62
N GLY B 245 -7.33 -28.10 -0.52
CA GLY B 245 -8.12 -28.36 0.67
C GLY B 245 -7.87 -27.39 1.79
N ALA B 246 -7.17 -26.27 1.49
CA ALA B 246 -6.85 -25.32 2.62
C ALA B 246 -8.07 -24.40 2.65
N PRO B 247 -8.79 -24.33 3.80
CA PRO B 247 -9.95 -23.42 3.82
C PRO B 247 -9.51 -21.93 3.84
N ILE B 248 -10.29 -21.07 3.22
CA ILE B 248 -9.92 -19.68 3.12
C ILE B 248 -11.07 -18.89 3.74
N PHE B 249 -10.73 -17.91 4.57
CA PHE B 249 -11.71 -16.98 5.14
C PHE B 249 -11.13 -15.58 4.83
N VAL B 250 -11.92 -14.71 4.19
CA VAL B 250 -11.47 -13.38 3.91
C VAL B 250 -11.79 -12.51 5.16
N THR B 251 -10.85 -12.40 6.07
CA THR B 251 -11.12 -11.63 7.31
C THR B 251 -10.94 -10.10 7.11
N GLU B 252 -10.39 -9.70 5.95
CA GLU B 252 -10.33 -8.27 5.65
C GLU B 252 -10.29 -8.05 4.13
N TRP B 253 -11.23 -7.26 3.56
CA TRP B 253 -11.07 -6.83 2.16
C TRP B 253 -11.63 -5.40 2.05
N GLY B 254 -11.10 -4.61 1.09
CA GLY B 254 -11.59 -3.22 0.92
C GLY B 254 -11.98 -2.98 -0.53
N THR B 255 -12.88 -2.02 -0.71
CA THR B 255 -13.26 -1.59 -2.04
C THR B 255 -12.20 -0.59 -2.61
N SER B 256 -11.21 -0.23 -1.80
CA SER B 256 -10.24 0.82 -2.15
C SER B 256 -8.94 0.14 -2.59
N ASP B 257 -7.83 0.89 -2.67
CA ASP B 257 -6.51 0.28 -2.82
C ASP B 257 -6.02 -0.24 -1.49
N ALA B 258 -4.86 -0.87 -1.51
CA ALA B 258 -4.35 -1.64 -0.38
C ALA B 258 -4.08 -0.80 0.84
N SER B 259 -3.78 0.49 0.68
CA SER B 259 -3.55 1.35 1.88
C SER B 259 -4.89 1.88 2.43
N GLY B 260 -6.01 1.62 1.76
CA GLY B 260 -7.31 2.06 2.32
C GLY B 260 -7.86 3.31 1.71
N ASN B 261 -7.14 3.84 0.71
CA ASN B 261 -7.58 5.04 0.08
C ASN B 261 -7.51 4.90 -1.45
N GLY B 262 -7.24 6.01 -2.08
CA GLY B 262 -7.16 5.93 -3.52
C GLY B 262 -8.50 5.78 -4.19
N GLY B 263 -9.60 5.99 -3.48
CA GLY B 263 -10.93 5.93 -4.13
C GLY B 263 -11.56 4.55 -4.04
N VAL B 264 -12.76 4.42 -4.62
CA VAL B 264 -13.58 3.20 -4.53
C VAL B 264 -13.70 2.46 -5.88
N PHE B 265 -13.53 1.12 -5.86
CA PHE B 265 -13.38 0.36 -7.10
C PHE B 265 -14.51 -0.66 -7.17
N LEU B 266 -15.68 -0.17 -7.57
CA LEU B 266 -16.86 -0.98 -7.47
C LEU B 266 -16.98 -2.09 -8.46
N ASP B 267 -16.47 -1.91 -9.68
CA ASP B 267 -16.48 -3.04 -10.62
C ASP B 267 -15.59 -4.19 -10.16
N GLN B 268 -14.38 -3.84 -9.74
CA GLN B 268 -13.55 -4.91 -9.22
C GLN B 268 -14.05 -5.51 -7.91
N SER B 269 -14.69 -4.70 -7.07
CA SER B 269 -15.26 -5.24 -5.84
C SER B 269 -16.34 -6.26 -6.18
N ARG B 270 -17.17 -5.97 -7.19
CA ARG B 270 -18.23 -6.86 -7.58
C ARG B 270 -17.66 -8.17 -8.10
N GLU B 271 -16.62 -8.03 -8.91
CA GLU B 271 -16.01 -9.20 -9.51
C GLU B 271 -15.44 -10.07 -8.38
N TRP B 272 -14.81 -9.47 -7.37
CA TRP B 272 -14.24 -10.26 -6.26
C TRP B 272 -15.31 -10.93 -5.41
N LEU B 273 -16.38 -10.21 -5.03
CA LEU B 273 -17.42 -10.87 -4.24
C LEU B 273 -18.16 -12.01 -5.02
N LYS B 274 -18.31 -11.84 -6.32
CA LYS B 274 -18.87 -12.94 -7.16
C LYS B 274 -17.92 -14.19 -7.05
N TYR B 275 -16.60 -13.93 -7.15
CA TYR B 275 -15.57 -14.96 -6.96
C TYR B 275 -15.78 -15.61 -5.58
N LEU B 276 -15.88 -14.81 -4.52
CA LEU B 276 -16.05 -15.41 -3.19
C LEU B 276 -17.33 -16.22 -3.07
N ASP B 277 -18.45 -15.69 -3.51
CA ASP B 277 -19.71 -16.46 -3.41
C ASP B 277 -19.55 -17.77 -4.22
N SER B 278 -18.80 -17.73 -5.31
CA SER B 278 -18.73 -18.93 -6.14
C SER B 278 -18.03 -20.06 -5.42
N LYS B 279 -17.20 -19.74 -4.42
CA LYS B 279 -16.55 -20.79 -3.66
C LYS B 279 -17.06 -20.83 -2.21
N THR B 280 -18.20 -20.17 -1.95
CA THR B 280 -18.80 -20.15 -0.58
C THR B 280 -17.79 -19.66 0.45
N ILE B 281 -17.02 -18.63 0.08
CA ILE B 281 -16.02 -18.07 1.01
C ILE B 281 -16.67 -16.92 1.87
N SER B 282 -16.49 -17.03 3.19
CA SER B 282 -16.95 -15.98 4.08
C SER B 282 -16.08 -14.73 3.97
N TRP B 283 -16.63 -13.60 4.37
CA TRP B 283 -15.86 -12.34 4.19
C TRP B 283 -16.31 -11.20 5.05
N VAL B 284 -15.33 -10.32 5.32
CA VAL B 284 -15.46 -9.26 6.29
C VAL B 284 -14.75 -8.04 5.66
N ASN B 285 -15.52 -7.00 5.43
CA ASN B 285 -15.04 -5.74 4.82
C ASN B 285 -14.30 -4.83 5.82
N TRP B 286 -13.31 -4.10 5.31
CA TRP B 286 -12.54 -3.12 6.08
C TRP B 286 -13.00 -1.74 5.55
N ASN B 287 -13.56 -0.84 6.38
CA ASN B 287 -13.77 -0.97 7.82
C ASN B 287 -14.91 -0.05 8.27
N LEU B 288 -15.37 -0.30 9.50
CA LEU B 288 -16.46 0.48 10.10
C LEU B 288 -15.76 1.66 10.84
N SER B 289 -15.72 2.85 10.22
CA SER B 289 -15.16 4.02 10.93
C SER B 289 -15.57 5.19 10.08
N ASP B 290 -15.40 6.41 10.63
CA ASP B 290 -15.78 7.62 9.88
C ASP B 290 -14.51 8.43 9.44
N LYS B 291 -13.39 7.73 9.35
CA LYS B 291 -12.15 8.30 8.90
C LYS B 291 -12.36 8.84 7.50
N GLN B 292 -11.72 9.97 7.15
CA GLN B 292 -11.90 10.52 5.79
C GLN B 292 -11.00 9.79 4.81
N GLU B 293 -11.41 8.60 4.40
CA GLU B 293 -10.67 7.85 3.38
C GLU B 293 -11.63 6.83 2.79
N SER B 294 -11.28 6.35 1.60
CA SER B 294 -12.18 5.54 0.75
C SER B 294 -12.72 4.31 1.42
N SER B 295 -11.88 3.63 2.16
CA SER B 295 -12.29 2.28 2.70
C SER B 295 -13.29 2.44 3.90
N SER B 296 -13.41 3.64 4.51
CA SER B 296 -14.28 3.82 5.72
C SER B 296 -15.74 3.66 5.30
N ALA B 297 -16.54 2.91 6.05
CA ALA B 297 -17.95 2.61 5.65
C ALA B 297 -18.92 3.79 5.97
N LEU B 298 -18.50 4.70 6.86
CA LEU B 298 -19.30 5.81 7.37
C LEU B 298 -18.78 7.18 6.97
N LYS B 299 -19.69 8.14 6.78
CA LYS B 299 -19.30 9.53 6.48
C LYS B 299 -18.75 10.13 7.75
N PRO B 300 -17.80 11.04 7.62
CA PRO B 300 -17.18 11.72 8.78
C PRO B 300 -18.22 12.23 9.79
N GLY B 301 -18.01 11.94 11.07
CA GLY B 301 -18.96 12.33 12.14
C GLY B 301 -20.27 11.51 12.27
N ALA B 302 -20.43 10.41 11.52
CA ALA B 302 -21.60 9.50 11.71
C ALA B 302 -21.75 9.02 13.18
N SER B 303 -23.00 8.79 13.63
CA SER B 303 -23.26 8.39 15.04
C SER B 303 -22.50 7.12 15.42
N LYS B 304 -21.95 7.11 16.62
CA LYS B 304 -21.20 5.98 17.12
C LYS B 304 -22.06 4.81 17.48
N THR B 305 -23.37 5.00 17.54
CA THR B 305 -24.23 3.97 18.06
C THR B 305 -25.18 3.54 16.98
N GLY B 306 -24.91 3.89 15.74
CA GLY B 306 -25.70 3.34 14.65
C GLY B 306 -26.83 4.20 14.18
N GLY B 307 -27.87 3.55 13.62
CA GLY B 307 -29.04 4.29 13.11
C GLY B 307 -28.80 4.99 11.81
N TRP B 308 -27.71 4.62 11.13
CA TRP B 308 -27.22 5.37 9.94
C TRP B 308 -28.22 5.43 8.80
N ARG B 309 -28.54 6.65 8.36
CA ARG B 309 -29.32 6.86 7.14
C ARG B 309 -28.40 6.63 5.91
N LEU B 310 -28.97 6.42 4.72
CA LEU B 310 -28.13 6.22 3.53
C LEU B 310 -27.17 7.39 3.39
N SER B 311 -27.61 8.58 3.81
CA SER B 311 -26.83 9.79 3.62
C SER B 311 -25.69 9.81 4.61
N ASP B 312 -25.66 8.87 5.57
CA ASP B 312 -24.61 8.78 6.56
C ASP B 312 -23.53 7.77 6.19
N LEU B 313 -23.80 7.02 5.13
CA LEU B 313 -22.88 5.95 4.71
C LEU B 313 -22.01 6.45 3.57
N SER B 314 -20.75 6.05 3.54
CA SER B 314 -19.91 6.43 2.40
C SER B 314 -20.31 5.64 1.18
N ALA B 315 -19.73 5.94 0.02
CA ALA B 315 -19.87 5.07 -1.18
C ALA B 315 -19.50 3.56 -0.90
N SER B 316 -18.38 3.35 -0.18
CA SER B 316 -17.93 1.98 0.13
C SER B 316 -18.97 1.38 1.06
N GLY B 317 -19.33 2.12 2.09
CA GLY B 317 -20.28 1.56 3.09
C GLY B 317 -21.64 1.17 2.49
N THR B 318 -22.11 1.97 1.55
CA THR B 318 -23.37 1.73 0.84
C THR B 318 -23.31 0.44 0.03
N PHE B 319 -22.26 0.32 -0.77
CA PHE B 319 -21.98 -0.93 -1.54
C PHE B 319 -21.89 -2.13 -0.61
N VAL B 320 -21.18 -1.98 0.51
CA VAL B 320 -20.91 -3.17 1.38
C VAL B 320 -22.25 -3.62 2.03
N ARG B 321 -23.01 -2.64 2.50
CA ARG B 321 -24.29 -2.93 3.12
C ARG B 321 -25.23 -3.64 2.10
N GLU B 322 -25.31 -3.12 0.87
CA GLU B 322 -26.12 -3.77 -0.20
C GLU B 322 -25.70 -5.24 -0.47
N ASN B 323 -24.40 -5.49 -0.41
CA ASN B 323 -23.89 -6.84 -0.64
C ASN B 323 -24.08 -7.80 0.51
N ILE B 324 -24.03 -7.32 1.72
CA ILE B 324 -24.38 -8.17 2.86
C ILE B 324 -25.89 -8.52 2.84
N LEU B 325 -26.74 -7.53 2.63
CA LEU B 325 -28.16 -7.77 2.54
C LEU B 325 -28.49 -8.69 1.35
N GLY B 326 -27.93 -8.38 0.18
CA GLY B 326 -28.10 -9.24 -0.96
C GLY B 326 -29.38 -8.93 -1.72
MN MN C . 13.35 11.81 7.89
C1 GOL D . 28.74 1.81 -19.54
O1 GOL D . 28.14 2.44 -20.69
C2 GOL D . 27.88 0.92 -18.62
O2 GOL D . 27.26 -0.15 -19.32
C3 GOL D . 26.73 1.77 -18.07
O3 GOL D . 25.88 1.11 -17.18
MN MN E . -15.57 -24.12 21.93
C1 GOL F . 2.45 -5.82 -2.52
O1 GOL F . 2.79 -7.15 -2.11
C2 GOL F . 0.96 -5.55 -2.25
O2 GOL F . 0.09 -6.37 -3.02
C3 GOL F . 0.60 -5.70 -0.75
O3 GOL F . -0.77 -5.32 -0.55
C1 GOL G . -14.96 -24.05 -2.25
O1 GOL G . -13.90 -24.98 -2.02
C2 GOL G . -16.24 -24.50 -3.03
O2 GOL G . -16.10 -24.74 -4.35
C3 GOL G . -17.38 -25.35 -2.42
O3 GOL G . -18.65 -24.92 -2.88
P PO4 H . -31.51 2.66 6.43
O1 PO4 H . -30.17 2.07 6.74
O2 PO4 H . -32.58 1.71 6.93
O3 PO4 H . -31.60 2.91 4.92
O4 PO4 H . -31.67 3.94 7.25
#